data_6F7Y
#
_entry.id   6F7Y
#
_cell.length_a   122.285
_cell.length_b   122.285
_cell.length_c   36.418
_cell.angle_alpha   90.000
_cell.angle_beta   90.000
_cell.angle_gamma   120.000
#
_symmetry.space_group_name_H-M   'P 63'
#
loop_
_entity.id
_entity.type
_entity.pdbx_description
1 polymer 'Fucose-binding lectin protein'
2 non-polymer GLYCEROL
3 water water
#
_entity_poly.entity_id   1
_entity_poly.type   'polypeptide(L)'
_entity_poly.pdbx_seq_one_letter_code
;(SNM)SVQTAATSWGTVPSIRVYTANNG(MLY)ITERCWDG(MLY)GWYTGAFNEPGDNVSVTSWLVGSAIHIRVYASTG
TTTTEWCWDGNGWT(MLY)GAYTATN
;
_entity_poly.pdbx_strand_id   A,B,C,D
#
# COMPACT_ATOMS: atom_id res chain seq x y z
N SER A 2 1.75 26.92 25.71
CA SER A 2 2.58 25.93 24.95
C SER A 2 1.75 24.73 24.49
N VAL A 3 2.29 23.98 23.54
CA VAL A 3 1.64 22.72 23.16
C VAL A 3 1.60 21.79 24.36
N GLN A 4 0.68 20.83 24.32
N GLN A 4 0.67 20.84 24.31
CA GLN A 4 0.44 19.93 25.44
CA GLN A 4 0.37 19.92 25.41
C GLN A 4 0.54 18.50 24.94
C GLN A 4 0.55 18.50 24.92
N THR A 5 1.26 17.67 25.68
CA THR A 5 1.49 16.28 25.25
C THR A 5 1.04 15.24 26.26
N ALA A 6 0.93 14.03 25.74
CA ALA A 6 0.64 12.84 26.55
C ALA A 6 1.39 11.70 25.88
N ALA A 7 1.93 10.79 26.69
CA ALA A 7 2.74 9.70 26.15
C ALA A 7 2.38 8.38 26.80
N THR A 8 2.46 7.32 26.01
CA THR A 8 2.33 5.96 26.53
C THR A 8 3.32 5.04 25.82
N SER A 9 3.54 3.87 26.40
CA SER A 9 4.47 2.91 25.83
C SER A 9 4.08 1.50 26.22
N TRP A 10 4.52 0.53 25.43
CA TRP A 10 4.24 -0.86 25.72
C TRP A 10 5.27 -1.78 25.12
N GLY A 11 5.34 -2.98 25.67
CA GLY A 11 6.32 -3.97 25.24
C GLY A 11 7.71 -3.66 25.74
N THR A 12 8.67 -4.37 25.18
CA THR A 12 10.08 -4.25 25.54
C THR A 12 10.90 -3.49 24.50
N VAL A 13 10.38 -3.36 23.27
CA VAL A 13 11.11 -2.66 22.21
C VAL A 13 11.57 -1.26 22.67
N PRO A 14 10.68 -0.40 23.21
CA PRO A 14 9.23 -0.56 23.25
C PRO A 14 8.61 0.14 22.07
N SER A 15 7.29 0.09 22.02
CA SER A 15 6.52 1.03 21.21
C SER A 15 6.19 2.22 22.09
N ILE A 16 6.26 3.41 21.52
CA ILE A 16 5.89 4.66 22.19
C ILE A 16 4.91 5.41 21.30
N ARG A 17 3.92 6.03 21.93
CA ARG A 17 3.04 6.96 21.25
C ARG A 17 3.03 8.28 22.00
N VAL A 18 3.20 9.39 21.28
CA VAL A 18 3.20 10.72 21.86
C VAL A 18 2.12 11.50 21.13
N TYR A 19 1.17 12.00 21.89
CA TYR A 19 0.06 12.80 21.38
C TYR A 19 0.32 14.25 21.72
N THR A 20 0.16 15.13 20.73
CA THR A 20 0.42 16.56 20.92
C THR A 20 -0.79 17.38 20.53
N ALA A 21 -1.30 18.17 21.46
CA ALA A 21 -2.35 19.15 21.18
C ALA A 21 -1.69 20.48 20.81
N ASN A 22 -1.96 20.93 19.59
CA ASN A 22 -1.37 22.15 19.05
C ASN A 22 -2.44 22.86 18.24
N ASN A 23 -2.76 24.08 18.68
CA ASN A 23 -3.78 24.92 18.06
C ASN A 23 -5.08 24.15 17.77
N GLY A 24 -5.55 23.44 18.79
CA GLY A 24 -6.84 22.75 18.75
C GLY A 24 -6.89 21.41 18.07
N ILE A 26 -5.09 17.46 17.86
CA ILE A 26 -4.17 16.46 18.43
C ILE A 26 -3.65 15.60 17.30
N THR A 27 -2.32 15.46 17.23
CA THR A 27 -1.66 14.55 16.30
C THR A 27 -0.80 13.56 17.08
N GLU A 28 -0.34 12.53 16.38
CA GLU A 28 0.27 11.36 16.99
C GLU A 28 1.58 11.04 16.31
N ARG A 29 2.63 10.88 17.12
CA ARG A 29 3.92 10.42 16.65
C ARG A 29 4.21 9.08 17.29
N CYS A 30 4.80 8.18 16.52
CA CYS A 30 4.93 6.78 16.88
C CYS A 30 6.35 6.28 16.75
N TRP A 31 6.78 5.48 17.73
CA TRP A 31 8.06 4.76 17.69
C TRP A 31 7.74 3.29 17.90
N ASP A 32 8.22 2.43 17.00
CA ASP A 32 8.12 0.98 17.16
C ASP A 32 9.50 0.31 17.03
N GLY A 33 10.56 1.05 17.32
CA GLY A 33 11.89 0.47 17.43
C GLY A 33 12.92 1.02 16.48
N GLY A 35 12.79 4.47 14.19
CA GLY A 35 12.32 5.69 13.55
C GLY A 35 10.97 6.17 14.02
N TRP A 36 10.85 7.48 14.19
CA TRP A 36 9.56 8.09 14.48
C TRP A 36 8.75 8.29 13.19
N TYR A 37 7.47 8.02 13.28
CA TYR A 37 6.56 8.28 12.17
C TYR A 37 5.27 8.85 12.67
N THR A 38 4.50 9.41 11.75
CA THR A 38 3.23 10.02 12.10
C THR A 38 2.14 8.96 12.01
N GLY A 39 1.37 8.85 13.09
CA GLY A 39 0.31 7.88 13.19
C GLY A 39 -0.99 8.45 12.69
N ALA A 40 -1.96 7.55 12.54
CA ALA A 40 -3.27 7.89 12.02
C ALA A 40 -4.07 8.86 12.88
N PHE A 41 -3.84 8.86 14.19
CA PHE A 41 -4.67 9.65 15.09
C PHE A 41 -4.60 11.15 14.82
N ASN A 42 -5.74 11.74 14.46
CA ASN A 42 -5.82 13.16 14.14
C ASN A 42 -7.22 13.64 14.47
N GLU A 43 -7.39 14.20 15.67
CA GLU A 43 -8.70 14.64 16.15
C GLU A 43 -8.61 15.94 16.94
N PRO A 44 -9.74 16.65 17.06
CA PRO A 44 -9.66 17.93 17.79
C PRO A 44 -9.40 17.77 19.28
N GLY A 45 -8.66 18.73 19.82
CA GLY A 45 -8.39 18.78 21.25
C GLY A 45 -7.41 19.89 21.61
N ASP A 46 -7.70 20.55 22.73
CA ASP A 46 -6.75 21.47 23.37
C ASP A 46 -5.96 20.79 24.49
N ASN A 47 -6.53 19.73 25.06
CA ASN A 47 -5.88 18.96 26.11
C ASN A 47 -5.97 17.47 25.76
N VAL A 48 -4.95 16.71 26.15
CA VAL A 48 -4.92 15.28 25.87
C VAL A 48 -4.30 14.52 27.04
N SER A 49 -4.90 13.35 27.35
CA SER A 49 -4.23 12.34 28.16
C SER A 49 -4.40 10.99 27.51
N VAL A 50 -3.61 10.02 27.95
CA VAL A 50 -3.63 8.69 27.34
C VAL A 50 -3.34 7.61 28.36
N THR A 51 -3.90 6.43 28.12
CA THR A 51 -3.47 5.23 28.83
C THR A 51 -3.59 4.06 27.86
N SER A 52 -2.87 2.98 28.14
CA SER A 52 -2.87 1.84 27.25
C SER A 52 -2.59 0.54 27.98
N TRP A 53 -2.99 -0.56 27.37
CA TRP A 53 -2.76 -1.89 27.92
C TRP A 53 -2.67 -2.86 26.77
N LEU A 54 -1.75 -3.82 26.90
CA LEU A 54 -1.45 -4.78 25.86
C LEU A 54 -2.05 -6.12 26.28
N VAL A 55 -3.02 -6.63 25.52
CA VAL A 55 -3.64 -7.95 25.75
C VAL A 55 -3.48 -8.76 24.49
N GLY A 56 -2.79 -9.89 24.62
CA GLY A 56 -2.42 -10.70 23.48
C GLY A 56 -1.60 -9.89 22.50
N SER A 57 -1.99 -9.96 21.24
CA SER A 57 -1.30 -9.28 20.15
C SER A 57 -1.82 -7.86 19.91
N ALA A 58 -2.88 -7.45 20.62
CA ALA A 58 -3.53 -6.17 20.38
C ALA A 58 -3.16 -5.18 21.46
N ILE A 59 -2.65 -4.01 21.06
CA ILE A 59 -2.54 -2.86 21.96
C ILE A 59 -3.91 -2.18 22.02
N HIS A 60 -4.31 -1.80 23.23
CA HIS A 60 -5.53 -1.05 23.44
C HIS A 60 -5.12 0.33 23.96
N ILE A 61 -5.48 1.38 23.24
CA ILE A 61 -5.11 2.74 23.62
C ILE A 61 -6.39 3.52 23.88
N ARG A 62 -6.38 4.35 24.92
CA ARG A 62 -7.47 5.29 25.18
C ARG A 62 -6.90 6.68 25.26
N VAL A 63 -7.36 7.57 24.37
CA VAL A 63 -6.88 8.95 24.30
C VAL A 63 -8.07 9.80 24.71
N TYR A 64 -7.87 10.67 25.70
CA TYR A 64 -8.94 11.55 26.19
C TYR A 64 -8.65 12.95 25.71
N ALA A 65 -9.48 13.41 24.77
CA ALA A 65 -9.26 14.69 24.07
C ALA A 65 -10.30 15.69 24.57
N SER A 66 -9.84 16.83 25.07
CA SER A 66 -10.73 17.83 25.63
C SER A 66 -10.62 19.18 24.92
N THR A 67 -11.78 19.77 24.68
CA THR A 67 -11.90 21.13 24.16
C THR A 67 -13.04 21.74 24.95
N GLY A 68 -12.82 22.91 25.53
CA GLY A 68 -13.81 23.49 26.43
C GLY A 68 -14.04 22.56 27.61
N THR A 69 -15.30 22.23 27.88
CA THR A 69 -15.64 21.27 28.95
C THR A 69 -16.06 19.91 28.40
N THR A 70 -15.80 19.67 27.11
CA THR A 70 -16.15 18.42 26.45
C THR A 70 -14.93 17.52 26.27
N THR A 71 -15.01 16.32 26.84
CA THR A 71 -13.94 15.33 26.73
C THR A 71 -14.46 14.15 25.91
N THR A 72 -13.72 13.80 24.87
CA THR A 72 -14.04 12.70 23.98
C THR A 72 -12.99 11.62 24.17
N GLU A 73 -13.44 10.40 24.43
CA GLU A 73 -12.55 9.25 24.49
C GLU A 73 -12.41 8.65 23.10
N TRP A 74 -11.17 8.50 22.65
CA TRP A 74 -10.85 7.81 21.42
C TRP A 74 -10.18 6.48 21.73
N CYS A 75 -10.60 5.42 21.04
CA CYS A 75 -10.18 4.05 21.35
C CYS A 75 -9.49 3.41 20.16
N TRP A 76 -8.31 2.84 20.39
CA TRP A 76 -7.67 1.94 19.44
C TRP A 76 -7.68 0.57 20.10
N ASP A 77 -8.22 -0.43 19.41
CA ASP A 77 -8.26 -1.81 19.94
C ASP A 77 -7.69 -2.82 18.95
N GLY A 78 -6.77 -2.34 18.12
CA GLY A 78 -6.00 -3.17 17.22
C GLY A 78 -6.38 -3.01 15.77
N ASN A 79 -7.51 -2.37 15.49
CA ASN A 79 -7.99 -2.22 14.13
C ASN A 79 -8.91 -1.01 13.94
N GLY A 80 -8.35 0.17 14.19
CA GLY A 80 -8.97 1.45 13.84
C GLY A 80 -9.35 2.27 15.06
N TRP A 81 -9.33 3.59 14.94
CA TRP A 81 -9.77 4.49 16.01
C TRP A 81 -11.30 4.63 16.00
N THR A 82 -11.90 4.57 17.17
CA THR A 82 -13.33 4.78 17.35
C THR A 82 -13.55 5.69 18.55
N GLY A 84 -15.25 6.23 21.94
CA GLY A 84 -15.74 5.30 22.94
C GLY A 84 -16.89 5.85 23.77
N ALA A 85 -17.33 5.02 24.71
CA ALA A 85 -18.49 5.29 25.54
C ALA A 85 -18.27 6.29 26.68
N TYR A 86 -17.02 6.67 26.94
CA TYR A 86 -16.73 7.60 28.04
C TYR A 86 -17.61 8.85 27.98
N THR A 87 -18.17 9.20 29.14
CA THR A 87 -18.77 10.51 29.38
C THR A 87 -18.25 11.03 30.71
N ALA A 88 -18.20 12.34 30.83
CA ALA A 88 -17.70 13.01 32.03
C ALA A 88 -18.69 12.99 33.19
N THR A 89 -19.98 12.85 32.87
CA THR A 89 -21.06 12.68 33.85
C THR A 89 -22.15 11.81 33.23
N ASN A 90 -23.02 11.21 34.07
CA ASN A 90 -24.18 10.47 33.55
C ASN A 90 -25.39 11.39 33.43
N SER B 2 -5.25 13.80 -9.32
CA SER B 2 -6.04 12.89 -8.45
C SER B 2 -5.17 12.22 -7.37
N VAL B 3 -5.81 11.43 -6.53
CA VAL B 3 -5.08 10.57 -5.59
C VAL B 3 -4.40 9.43 -6.34
N GLN B 4 -3.44 8.80 -5.66
CA GLN B 4 -2.69 7.69 -6.21
C GLN B 4 -2.70 6.56 -5.19
N THR B 5 -3.08 5.36 -5.61
CA THR B 5 -3.21 4.25 -4.67
C THR B 5 -2.26 3.10 -4.98
N ALA B 6 -2.08 2.26 -3.98
CA ALA B 6 -1.28 1.04 -4.08
C ALA B 6 -1.95 0.04 -3.16
N ALA B 7 -2.08 -1.20 -3.61
CA ALA B 7 -2.84 -2.21 -2.88
C ALA B 7 -2.06 -3.50 -2.74
N THR B 8 -2.28 -4.18 -1.62
CA THR B 8 -1.77 -5.52 -1.42
C THR B 8 -2.82 -6.34 -0.66
N SER B 9 -2.66 -7.66 -0.72
CA SER B 9 -3.59 -8.56 -0.03
C SER B 9 -2.87 -9.85 0.32
N TRP B 10 -3.41 -10.54 1.32
CA TRP B 10 -2.86 -11.84 1.73
C TRP B 10 -3.90 -12.77 2.33
N GLY B 11 -3.60 -14.06 2.24
CA GLY B 11 -4.47 -15.10 2.77
C GLY B 11 -5.77 -15.25 2.00
N THR B 12 -6.72 -15.96 2.59
CA THR B 12 -7.99 -16.27 1.91
C THR B 12 -9.21 -15.56 2.50
N VAL B 13 -9.01 -14.83 3.61
CA VAL B 13 -10.11 -14.06 4.20
C VAL B 13 -10.72 -13.07 3.19
N PRO B 14 -9.94 -12.19 2.55
CA PRO B 14 -8.51 -11.96 2.76
C PRO B 14 -8.29 -10.78 3.68
N SER B 15 -7.04 -10.46 3.93
CA SER B 15 -6.69 -9.12 4.41
C SER B 15 -6.27 -8.30 3.20
N ILE B 16 -6.71 -7.04 3.16
CA ILE B 16 -6.34 -6.10 2.11
C ILE B 16 -5.81 -4.84 2.77
N ARG B 17 -4.77 -4.26 2.18
CA ARG B 17 -4.33 -2.92 2.57
C ARG B 17 -4.27 -2.06 1.33
N VAL B 18 -4.88 -0.88 1.40
CA VAL B 18 -4.85 0.08 0.31
C VAL B 18 -4.23 1.36 0.84
N TYR B 19 -3.12 1.76 0.23
CA TYR B 19 -2.39 2.98 0.59
C TYR B 19 -2.71 4.04 -0.43
N THR B 20 -3.06 5.24 0.04
CA THR B 20 -3.40 6.35 -0.84
C THR B 20 -2.50 7.53 -0.53
N ALA B 21 -1.85 8.06 -1.57
CA ALA B 21 -1.10 9.31 -1.51
C ALA B 21 -2.04 10.40 -2.02
N ASN B 22 -2.29 11.39 -1.18
CA ASN B 22 -3.24 12.45 -1.48
C ASN B 22 -2.78 13.68 -0.73
N ASN B 23 -2.55 14.78 -1.45
CA ASN B 23 -2.18 16.06 -0.84
C ASN B 23 -1.00 15.92 0.13
N GLY B 24 0.02 15.17 -0.30
CA GLY B 24 1.25 15.02 0.46
C GLY B 24 1.23 14.07 1.63
N ILE B 26 0.26 9.98 2.95
CA ILE B 26 -0.11 8.59 2.69
C ILE B 26 -1.03 8.14 3.82
N THR B 27 -2.20 7.61 3.47
CA THR B 27 -3.13 7.05 4.44
C THR B 27 -3.37 5.59 4.09
N GLU B 28 -3.71 4.81 5.10
CA GLU B 28 -3.83 3.37 4.99
C GLU B 28 -5.24 2.95 5.33
N ARG B 29 -5.89 2.24 4.40
CA ARG B 29 -7.20 1.64 4.66
C ARG B 29 -7.06 0.12 4.66
N CYS B 30 -7.75 -0.52 5.59
CA CYS B 30 -7.53 -1.93 5.93
C CYS B 30 -8.82 -2.72 5.95
N TRP B 31 -8.76 -3.93 5.39
CA TRP B 31 -9.84 -4.91 5.45
C TRP B 31 -9.26 -6.19 6.03
N ASP B 32 -9.86 -6.71 7.10
CA ASP B 32 -9.51 -8.03 7.65
C ASP B 32 -10.75 -8.94 7.78
N GLY B 33 -11.79 -8.64 7.01
CA GLY B 33 -13.00 -9.46 6.94
C GLY B 33 -14.19 -8.87 7.67
N GLY B 35 -15.08 -5.21 7.83
CA GLY B 35 -15.29 -3.79 7.51
C GLY B 35 -13.97 -3.07 7.27
N TRP B 36 -14.03 -1.97 6.52
CA TRP B 36 -12.85 -1.15 6.27
C TRP B 36 -12.59 -0.22 7.44
N TYR B 37 -11.31 -0.06 7.79
CA TYR B 37 -10.88 0.84 8.87
C TYR B 37 -9.58 1.50 8.46
N THR B 38 -9.25 2.59 9.12
CA THR B 38 -8.04 3.31 8.83
C THR B 38 -6.91 2.82 9.70
N GLY B 39 -5.83 2.40 9.05
CA GLY B 39 -4.68 1.85 9.71
C GLY B 39 -3.75 2.90 10.26
N ALA B 40 -2.76 2.43 11.01
CA ALA B 40 -1.83 3.28 11.75
C ALA B 40 -0.94 4.18 10.90
N PHE B 41 -0.60 3.74 9.70
CA PHE B 41 0.41 4.43 8.88
C PHE B 41 -0.07 5.74 8.27
N ASN B 42 0.61 6.84 8.58
CA ASN B 42 0.20 8.17 8.08
C ASN B 42 1.42 9.07 7.80
N GLU B 43 2.41 8.54 7.11
CA GLU B 43 3.61 9.32 6.77
C GLU B 43 3.35 10.24 5.59
N PRO B 44 4.21 11.27 5.42
CA PRO B 44 4.10 12.08 4.21
C PRO B 44 4.50 11.29 2.97
N GLY B 45 4.03 11.74 1.83
CA GLY B 45 4.38 11.13 0.56
C GLY B 45 3.58 11.68 -0.59
N ASP B 46 4.25 11.86 -1.73
CA ASP B 46 3.61 12.21 -2.99
C ASP B 46 3.21 10.95 -3.78
N ASN B 47 3.91 9.84 -3.52
CA ASN B 47 3.74 8.59 -4.24
C ASN B 47 3.96 7.44 -3.28
N VAL B 48 3.24 6.35 -3.49
CA VAL B 48 3.36 5.16 -2.65
C VAL B 48 3.29 3.89 -3.50
N SER B 49 4.14 2.93 -3.16
CA SER B 49 3.96 1.55 -3.61
C SER B 49 4.08 0.62 -2.41
N VAL B 50 3.62 -0.61 -2.60
CA VAL B 50 3.59 -1.58 -1.52
C VAL B 50 3.80 -2.98 -2.04
N THR B 51 4.42 -3.81 -1.20
CA THR B 51 4.49 -5.23 -1.43
C THR B 51 4.43 -5.91 -0.06
N SER B 52 3.98 -7.16 -0.06
CA SER B 52 3.86 -7.93 1.18
C SER B 52 4.08 -9.40 0.92
N TRP B 53 4.44 -10.12 1.98
CA TRP B 53 4.63 -11.56 1.93
C TRP B 53 4.33 -12.17 3.27
N LEU B 54 3.87 -13.42 3.24
CA LEU B 54 3.59 -14.18 4.45
C LEU B 54 4.78 -15.07 4.79
N VAL B 55 5.12 -15.14 6.07
CA VAL B 55 5.99 -16.20 6.59
C VAL B 55 5.10 -16.96 7.56
N GLY B 56 4.66 -18.16 7.17
CA GLY B 56 3.60 -18.85 7.88
C GLY B 56 2.34 -18.00 7.86
N SER B 57 1.81 -17.66 9.04
CA SER B 57 0.62 -16.82 9.15
C SER B 57 0.96 -15.32 9.35
N ALA B 58 2.25 -14.99 9.49
CA ALA B 58 2.69 -13.64 9.82
C ALA B 58 2.93 -12.81 8.56
N ILE B 59 2.23 -11.70 8.44
CA ILE B 59 2.41 -10.77 7.32
C ILE B 59 3.60 -9.83 7.54
N HIS B 60 4.30 -9.56 6.44
CA HIS B 60 5.35 -8.57 6.37
C HIS B 60 5.00 -7.64 5.22
N ILE B 61 5.00 -6.34 5.48
CA ILE B 61 4.62 -5.34 4.49
C ILE B 61 5.79 -4.38 4.33
N ARG B 62 6.03 -3.95 3.09
CA ARG B 62 6.98 -2.89 2.80
C ARG B 62 6.28 -1.81 2.02
N VAL B 63 6.29 -0.59 2.55
CA VAL B 63 5.68 0.55 1.92
C VAL B 63 6.81 1.48 1.46
N TYR B 64 6.76 1.88 0.19
CA TYR B 64 7.77 2.77 -0.39
C TYR B 64 7.14 4.13 -0.62
N ALA B 65 7.50 5.09 0.24
CA ALA B 65 6.92 6.43 0.25
C ALA B 65 7.90 7.41 -0.38
N SER B 66 7.49 8.07 -1.45
CA SER B 66 8.37 8.96 -2.18
C SER B 66 7.90 10.40 -2.12
N THR B 67 8.85 11.30 -1.84
CA THR B 67 8.65 12.74 -1.89
C THR B 67 9.81 13.32 -2.71
N GLY B 68 9.49 14.07 -3.76
CA GLY B 68 10.51 14.52 -4.73
C GLY B 68 11.28 13.35 -5.29
N THR B 69 12.60 13.42 -5.24
CA THR B 69 13.46 12.33 -5.72
C THR B 69 13.80 11.27 -4.68
N THR B 70 13.34 11.42 -3.45
CA THR B 70 13.73 10.52 -2.35
C THR B 70 12.61 9.52 -2.02
N THR B 71 13.00 8.28 -1.79
CA THR B 71 12.07 7.21 -1.41
C THR B 71 12.51 6.65 -0.08
N THR B 72 11.60 6.61 0.89
CA THR B 72 11.83 5.98 2.19
C THR B 72 10.99 4.71 2.30
N GLU B 73 11.63 3.61 2.69
CA GLU B 73 10.96 2.33 2.95
C GLU B 73 10.51 2.25 4.42
N TRP B 74 9.25 1.86 4.60
CA TRP B 74 8.69 1.56 5.92
C TRP B 74 8.29 0.09 6.00
N CYS B 75 8.58 -0.53 7.14
CA CYS B 75 8.46 -1.96 7.31
C CYS B 75 7.47 -2.31 8.40
N TRP B 76 6.51 -3.17 8.09
CA TRP B 76 5.67 -3.80 9.09
C TRP B 76 6.06 -5.26 9.18
N ASP B 77 6.43 -5.71 10.38
CA ASP B 77 6.83 -7.11 10.61
C ASP B 77 6.11 -7.74 11.81
N GLY B 78 4.90 -7.26 12.08
CA GLY B 78 3.99 -7.84 13.07
C GLY B 78 3.91 -7.10 14.40
N ASN B 79 4.75 -6.09 14.58
CA ASN B 79 4.80 -5.36 15.84
C ASN B 79 5.21 -3.90 15.60
N GLY B 80 4.60 -3.27 14.60
CA GLY B 80 4.76 -1.84 14.35
C GLY B 80 5.53 -1.53 13.09
N TRP B 81 5.64 -0.24 12.79
CA TRP B 81 6.32 0.23 11.58
C TRP B 81 7.73 0.70 11.90
N THR B 82 8.69 0.29 11.08
CA THR B 82 10.10 0.68 11.25
C THR B 82 10.71 1.13 9.92
N GLY B 84 13.09 1.09 6.97
CA GLY B 84 13.85 0.03 6.32
C GLY B 84 15.18 0.54 5.80
N ALA B 85 16.01 -0.40 5.36
CA ALA B 85 17.36 -0.10 4.86
C ALA B 85 17.42 0.41 3.42
N TYR B 86 16.27 0.40 2.72
CA TYR B 86 16.23 0.81 1.31
C TYR B 86 16.83 2.19 1.07
N THR B 87 17.71 2.26 0.07
CA THR B 87 18.15 3.52 -0.52
C THR B 87 18.06 3.42 -2.04
N ALA B 88 17.93 4.58 -2.68
CA ALA B 88 18.08 4.72 -4.13
C ALA B 88 18.83 6.01 -4.43
N THR B 89 19.45 6.06 -5.62
CA THR B 89 20.14 7.27 -6.10
C THR B 89 19.35 7.88 -7.27
N ASN B 90 18.36 8.69 -6.93
CA ASN B 90 17.48 9.35 -7.90
C ASN B 90 17.84 10.83 -8.09
N SER C 2 1.81 10.56 -19.70
CA SER C 2 1.73 9.13 -20.14
C SER C 2 0.58 8.39 -19.45
N VAL C 3 0.19 7.26 -20.02
CA VAL C 3 -0.77 6.36 -19.36
C VAL C 3 -0.17 5.79 -18.07
N GLN C 4 -1.04 5.34 -17.17
CA GLN C 4 -0.62 4.76 -15.90
C GLN C 4 -1.18 3.35 -15.82
N THR C 5 -0.35 2.38 -15.41
CA THR C 5 -0.80 0.98 -15.34
C THR C 5 -0.69 0.37 -13.96
N ALA C 6 -1.43 -0.72 -13.79
CA ALA C 6 -1.34 -1.60 -12.63
C ALA C 6 -1.50 -3.03 -13.12
N ALA C 7 -0.80 -3.97 -12.51
CA ALA C 7 -0.78 -5.35 -12.98
C ALA C 7 -0.91 -6.34 -11.83
N THR C 8 -1.55 -7.47 -12.11
CA THR C 8 -1.65 -8.58 -11.16
C THR C 8 -1.56 -9.88 -11.95
N SER C 9 -1.22 -10.96 -11.25
CA SER C 9 -1.04 -12.25 -11.91
C SER C 9 -1.37 -13.36 -10.93
N TRP C 10 -1.74 -14.52 -11.46
CA TRP C 10 -2.02 -15.68 -10.61
C TRP C 10 -1.79 -16.98 -11.35
N GLY C 11 -1.55 -18.02 -10.57
CA GLY C 11 -1.38 -19.36 -11.09
C GLY C 11 -0.01 -19.57 -11.71
N THR C 12 0.13 -20.70 -12.40
CA THR C 12 1.40 -21.10 -13.01
C THR C 12 1.47 -20.87 -14.52
N VAL C 13 0.33 -20.60 -15.17
CA VAL C 13 0.31 -20.37 -16.62
C VAL C 13 1.18 -19.16 -17.05
N PRO C 14 1.04 -17.97 -16.46
CA PRO C 14 0.00 -17.58 -15.51
C PRO C 14 -1.15 -16.89 -16.22
N SER C 15 -2.12 -16.43 -15.46
CA SER C 15 -3.02 -15.37 -15.92
C SER C 15 -2.42 -14.04 -15.43
N ILE C 16 -2.48 -13.04 -16.31
CA ILE C 16 -2.07 -11.67 -16.00
C ILE C 16 -3.20 -10.73 -16.38
N ARG C 17 -3.39 -9.69 -15.57
CA ARG C 17 -4.33 -8.62 -15.91
C ARG C 17 -3.58 -7.31 -15.75
N VAL C 18 -3.64 -6.49 -16.79
CA VAL C 18 -2.99 -5.18 -16.81
C VAL C 18 -4.07 -4.14 -17.03
N TYR C 19 -4.19 -3.22 -16.09
CA TYR C 19 -5.19 -2.15 -16.11
C TYR C 19 -4.47 -0.87 -16.49
N THR C 20 -5.04 -0.12 -17.43
CA THR C 20 -4.45 1.12 -17.92
C THR C 20 -5.43 2.27 -17.76
N ALA C 21 -4.99 3.31 -17.07
CA ALA C 21 -5.72 4.59 -16.93
C ALA C 21 -5.19 5.54 -18.01
N ASN C 22 -6.08 6.05 -18.85
CA ASN C 22 -5.73 6.89 -19.98
C ASN C 22 -6.89 7.85 -20.22
N ASN C 23 -6.61 9.15 -20.09
CA ASN C 23 -7.59 10.22 -20.30
C ASN C 23 -8.90 9.97 -19.56
N GLY C 24 -8.78 9.58 -18.28
CA GLY C 24 -9.92 9.38 -17.41
C GLY C 24 -10.70 8.08 -17.53
N ILE C 26 -10.31 3.72 -17.49
CA ILE C 26 -9.51 2.53 -17.19
C ILE C 26 -10.01 1.36 -18.03
N THR C 27 -9.07 0.69 -18.72
CA THR C 27 -9.35 -0.49 -19.53
C THR C 27 -8.43 -1.63 -19.10
N GLU C 28 -8.72 -2.82 -19.61
CA GLU C 28 -8.09 -4.05 -19.11
C GLU C 28 -7.61 -4.90 -20.27
N ARG C 29 -6.35 -5.35 -20.16
CA ARG C 29 -5.81 -6.34 -21.08
C ARG C 29 -5.47 -7.59 -20.29
N CYS C 30 -5.71 -8.74 -20.92
CA CYS C 30 -5.69 -10.03 -20.23
C CYS C 30 -4.82 -11.03 -20.97
N TRP C 31 -4.08 -11.83 -20.19
CA TRP C 31 -3.28 -12.93 -20.71
C TRP C 31 -3.67 -14.15 -19.90
N ASP C 32 -4.06 -15.24 -20.58
CA ASP C 32 -4.29 -16.55 -19.94
C ASP C 32 -3.45 -17.63 -20.63
N GLY C 33 -2.30 -17.23 -21.19
CA GLY C 33 -1.33 -18.15 -21.76
C GLY C 33 -1.40 -18.27 -23.27
N GLY C 35 -2.31 -15.56 -25.68
CA GLY C 35 -2.42 -14.29 -26.38
C GLY C 35 -3.13 -13.22 -25.55
N TRP C 36 -2.78 -11.97 -25.78
CA TRP C 36 -3.40 -10.84 -25.08
C TRP C 36 -4.77 -10.52 -25.69
N TYR C 37 -5.74 -10.24 -24.83
CA TYR C 37 -7.07 -9.83 -25.27
C TYR C 37 -7.62 -8.74 -24.36
N THR C 38 -8.65 -8.06 -24.84
CA THR C 38 -9.26 -6.98 -24.07
C THR C 38 -10.28 -7.58 -23.12
N GLY C 39 -10.17 -7.22 -21.84
CA GLY C 39 -11.06 -7.71 -20.81
C GLY C 39 -12.34 -6.91 -20.69
N ALA C 40 -13.25 -7.43 -19.88
CA ALA C 40 -14.56 -6.82 -19.67
C ALA C 40 -14.50 -5.52 -18.88
N PHE C 41 -13.45 -5.33 -18.08
CA PHE C 41 -13.38 -4.15 -17.21
C PHE C 41 -13.21 -2.84 -17.99
N ASN C 42 -14.16 -1.94 -17.80
CA ASN C 42 -14.15 -0.65 -18.46
C ASN C 42 -14.88 0.36 -17.56
N GLU C 43 -14.12 1.16 -16.81
CA GLU C 43 -14.70 2.10 -15.84
C GLU C 43 -13.89 3.39 -15.78
N PRO C 44 -14.52 4.48 -15.29
CA PRO C 44 -13.74 5.73 -15.19
C PRO C 44 -12.65 5.67 -14.12
N GLY C 45 -11.57 6.39 -14.38
CA GLY C 45 -10.50 6.54 -13.42
C GLY C 45 -9.30 7.25 -14.01
N ASP C 46 -8.70 8.15 -13.22
CA ASP C 46 -7.42 8.78 -13.56
C ASP C 46 -6.24 7.95 -13.06
N ASN C 47 -6.48 7.12 -12.04
CA ASN C 47 -5.42 6.31 -11.43
C ASN C 47 -6.01 4.95 -11.10
N VAL C 48 -5.18 3.92 -11.23
CA VAL C 48 -5.62 2.56 -10.95
C VAL C 48 -4.56 1.81 -10.14
N SER C 49 -5.03 1.00 -9.19
CA SER C 49 -4.20 -0.04 -8.57
C SER C 49 -5.01 -1.33 -8.51
N VAL C 50 -4.32 -2.43 -8.28
CA VAL C 50 -4.97 -3.75 -8.26
C VAL C 50 -4.31 -4.69 -7.29
N THR C 51 -5.11 -5.57 -6.69
CA THR C 51 -4.60 -6.74 -5.99
C THR C 51 -5.54 -7.90 -6.29
N SER C 52 -5.02 -9.11 -6.15
CA SER C 52 -5.80 -10.32 -6.36
C SER C 52 -5.30 -11.44 -5.45
N TRP C 53 -6.17 -12.42 -5.22
CA TRP C 53 -5.84 -13.59 -4.40
C TRP C 53 -6.69 -14.76 -4.87
N LEU C 54 -6.12 -15.96 -4.71
CA LEU C 54 -6.81 -17.21 -5.02
C LEU C 54 -7.41 -17.79 -3.75
N VAL C 55 -8.59 -18.38 -3.89
CA VAL C 55 -9.14 -19.32 -2.91
C VAL C 55 -9.32 -20.62 -3.68
N GLY C 56 -8.38 -21.54 -3.50
CA GLY C 56 -8.32 -22.74 -4.33
C GLY C 56 -7.93 -22.34 -5.73
N SER C 57 -8.74 -22.73 -6.72
CA SER C 57 -8.54 -22.30 -8.11
C SER C 57 -9.33 -21.02 -8.49
N ALA C 58 -10.07 -20.44 -7.53
CA ALA C 58 -10.96 -19.31 -7.81
C ALA C 58 -10.26 -17.97 -7.60
N ILE C 59 -10.21 -17.14 -8.64
CA ILE C 59 -9.56 -15.83 -8.55
C ILE C 59 -10.52 -14.75 -8.05
N HIS C 60 -9.99 -13.88 -7.20
CA HIS C 60 -10.71 -12.71 -6.73
C HIS C 60 -9.84 -11.51 -7.03
N ILE C 61 -10.39 -10.51 -7.72
CA ILE C 61 -9.64 -9.31 -8.10
C ILE C 61 -10.31 -8.08 -7.50
N ARG C 62 -9.47 -7.17 -7.03
CA ARG C 62 -9.91 -5.87 -6.54
C ARG C 62 -9.15 -4.78 -7.28
N VAL C 63 -9.88 -3.96 -8.02
CA VAL C 63 -9.32 -2.84 -8.76
C VAL C 63 -9.75 -1.54 -8.07
N TYR C 64 -8.79 -0.67 -7.76
CA TYR C 64 -9.07 0.60 -7.07
C TYR C 64 -8.89 1.72 -8.07
N ALA C 65 -10.02 2.28 -8.49
CA ALA C 65 -10.10 3.28 -9.55
C ALA C 65 -10.37 4.62 -8.91
N SER C 66 -9.46 5.59 -9.11
CA SER C 66 -9.59 6.91 -8.51
C SER C 66 -9.81 8.03 -9.53
N THR C 67 -10.79 8.88 -9.25
CA THR C 67 -11.02 10.15 -9.97
C THR C 67 -11.19 11.26 -8.94
N GLY C 68 -10.37 12.30 -9.04
CA GLY C 68 -10.38 13.37 -8.06
C GLY C 68 -9.92 12.83 -6.73
N THR C 69 -10.73 13.01 -5.69
CA THR C 69 -10.47 12.40 -4.37
C THR C 69 -11.39 11.20 -4.08
N THR C 70 -12.13 10.71 -5.07
CA THR C 70 -12.97 9.52 -4.90
C THR C 70 -12.28 8.27 -5.44
N THR C 71 -12.18 7.24 -4.62
CA THR C 71 -11.66 5.94 -5.03
C THR C 71 -12.79 4.92 -4.97
N THR C 72 -13.05 4.25 -6.08
CA THR C 72 -14.07 3.20 -6.18
C THR C 72 -13.38 1.84 -6.30
N GLU C 73 -13.79 0.89 -5.47
CA GLU C 73 -13.32 -0.49 -5.55
C GLU C 73 -14.24 -1.29 -6.46
N TRP C 74 -13.63 -2.00 -7.40
CA TRP C 74 -14.34 -2.91 -8.31
C TRP C 74 -13.90 -4.34 -8.03
N CYS C 75 -14.87 -5.24 -7.98
CA CYS C 75 -14.65 -6.62 -7.52
C CYS C 75 -14.96 -7.62 -8.61
N TRP C 76 -14.01 -8.52 -8.87
CA TRP C 76 -14.26 -9.72 -9.68
C TRP C 76 -14.18 -10.91 -8.74
N ASP C 77 -15.25 -11.70 -8.69
CA ASP C 77 -15.29 -12.89 -7.84
C ASP C 77 -15.86 -14.10 -8.59
N GLY C 78 -15.65 -14.14 -9.90
CA GLY C 78 -15.95 -15.31 -10.72
C GLY C 78 -17.06 -15.15 -11.73
N ASN C 79 -17.91 -14.13 -11.58
CA ASN C 79 -19.08 -13.96 -12.46
C ASN C 79 -19.53 -12.49 -12.58
N GLY C 80 -18.59 -11.65 -13.01
CA GLY C 80 -18.87 -10.26 -13.37
C GLY C 80 -18.27 -9.25 -12.40
N TRP C 81 -18.07 -8.02 -12.88
CA TRP C 81 -17.55 -6.93 -12.04
C TRP C 81 -18.67 -6.23 -11.29
N THR C 82 -18.45 -5.99 -10.00
CA THR C 82 -19.39 -5.26 -9.14
C THR C 82 -18.61 -4.26 -8.30
N GLY C 84 -17.45 -2.50 -4.89
CA GLY C 84 -17.15 -3.05 -3.57
C GLY C 84 -17.46 -2.09 -2.44
N ALA C 85 -17.28 -2.58 -1.22
CA ALA C 85 -17.57 -1.82 0.02
C ALA C 85 -16.52 -0.80 0.41
N TYR C 86 -15.36 -0.80 -0.27
CA TYR C 86 -14.29 0.14 0.05
C TYR C 86 -14.74 1.60 0.04
N THR C 87 -14.36 2.31 1.09
CA THR C 87 -14.48 3.75 1.18
C THR C 87 -13.21 4.34 1.75
N ALA C 88 -12.99 5.61 1.48
CA ALA C 88 -11.85 6.37 2.01
C ALA C 88 -12.17 7.86 2.07
N THR C 89 -11.76 8.51 3.17
CA THR C 89 -11.84 9.96 3.31
C THR C 89 -10.56 10.58 2.75
N ASN C 90 -10.59 10.92 1.47
CA ASN C 90 -9.47 11.61 0.81
C ASN C 90 -9.79 13.10 0.66
N SER D 2 7.15 14.18 -8.15
CA SER D 2 8.07 13.22 -7.45
C SER D 2 8.32 12.00 -8.32
N VAL D 3 9.25 11.15 -7.89
CA VAL D 3 9.42 9.86 -8.54
C VAL D 3 8.20 8.96 -8.30
N GLN D 4 8.05 7.95 -9.14
CA GLN D 4 6.94 7.01 -9.05
C GLN D 4 7.54 5.63 -8.93
N THR D 5 7.11 4.84 -7.94
CA THR D 5 7.65 3.51 -7.74
C THR D 5 6.63 2.39 -7.90
N ALA D 6 7.16 1.20 -8.15
CA ALA D 6 6.40 -0.04 -8.14
C ALA D 6 7.27 -1.08 -7.46
N ALA D 7 6.64 -1.97 -6.68
CA ALA D 7 7.38 -2.94 -5.90
C ALA D 7 6.78 -4.33 -6.02
N THR D 8 7.64 -5.35 -5.97
CA THR D 8 7.20 -6.73 -5.91
C THR D 8 8.15 -7.53 -5.02
N SER D 9 7.67 -8.67 -4.54
CA SER D 9 8.48 -9.53 -3.68
C SER D 9 8.09 -10.99 -3.89
N TRP D 10 9.01 -11.89 -3.59
CA TRP D 10 8.73 -13.33 -3.66
C TRP D 10 9.57 -14.08 -2.65
N GLY D 11 9.11 -15.27 -2.31
CA GLY D 11 9.74 -16.08 -1.27
C GLY D 11 9.55 -15.49 0.10
N THR D 12 10.34 -15.97 1.06
CA THR D 12 10.24 -15.56 2.47
C THR D 12 11.48 -14.88 3.05
N VAL D 13 12.57 -14.83 2.29
CA VAL D 13 13.76 -14.06 2.70
C VAL D 13 13.41 -12.58 3.01
N PRO D 14 12.71 -11.85 2.13
CA PRO D 14 12.34 -12.23 0.77
C PRO D 14 13.31 -11.63 -0.24
N SER D 15 13.04 -11.86 -1.52
CA SER D 15 13.59 -11.02 -2.57
C SER D 15 12.60 -9.89 -2.80
N ILE D 16 13.10 -8.66 -2.95
CA ILE D 16 12.28 -7.51 -3.27
C ILE D 16 12.90 -6.81 -4.47
N ARG D 17 12.04 -6.33 -5.37
CA ARG D 17 12.47 -5.47 -6.45
C ARG D 17 11.63 -4.20 -6.43
N VAL D 18 12.28 -3.05 -6.43
CA VAL D 18 11.61 -1.75 -6.47
C VAL D 18 12.04 -1.02 -7.73
N TYR D 19 11.05 -0.68 -8.56
CA TYR D 19 11.26 0.03 -9.83
C TYR D 19 10.89 1.48 -9.62
N THR D 20 11.75 2.39 -10.06
CA THR D 20 11.53 3.83 -9.90
C THR D 20 11.54 4.52 -11.25
N ALA D 21 10.44 5.18 -11.59
CA ALA D 21 10.37 6.06 -12.75
C ALA D 21 10.72 7.48 -12.30
N ASN D 22 11.80 8.02 -12.88
CA ASN D 22 12.31 9.34 -12.52
C ASN D 22 12.79 10.03 -13.79
N ASN D 23 12.12 11.13 -14.15
CA ASN D 23 12.50 11.96 -15.29
C ASN D 23 12.64 11.13 -16.60
N GLY D 24 11.66 10.25 -16.81
CA GLY D 24 11.58 9.43 -18.02
C GLY D 24 12.47 8.20 -18.07
N ILE D 26 13.29 4.48 -16.03
CA ILE D 26 12.95 3.48 -15.01
C ILE D 26 14.20 2.71 -14.64
N THR D 27 14.52 2.67 -13.35
CA THR D 27 15.64 1.91 -12.81
C THR D 27 15.13 0.95 -11.74
N GLU D 28 16.00 0.06 -11.29
CA GLU D 28 15.65 -1.06 -10.41
C GLU D 28 16.62 -1.13 -9.24
N ARG D 29 16.07 -1.36 -8.05
CA ARG D 29 16.87 -1.67 -6.87
C ARG D 29 16.39 -3.00 -6.32
N CYS D 30 17.34 -3.83 -5.88
CA CYS D 30 17.12 -5.22 -5.55
C CYS D 30 17.57 -5.54 -4.14
N TRP D 31 16.80 -6.41 -3.48
CA TRP D 31 17.12 -6.95 -2.17
C TRP D 31 16.93 -8.46 -2.27
N ASP D 32 17.95 -9.24 -1.87
CA ASP D 32 17.81 -10.70 -1.74
C ASP D 32 18.24 -11.16 -0.34
N GLY D 33 18.19 -10.25 0.64
CA GLY D 33 18.50 -10.57 2.04
C GLY D 33 19.86 -10.04 2.50
N GLY D 35 21.59 -6.95 1.43
CA GLY D 35 21.86 -5.55 1.10
C GLY D 35 21.17 -5.14 -0.20
N TRP D 36 20.86 -3.85 -0.32
CA TRP D 36 20.27 -3.31 -1.54
C TRP D 36 21.35 -3.08 -2.59
N TYR D 37 21.06 -3.48 -3.82
CA TYR D 37 21.99 -3.29 -4.94
C TYR D 37 21.22 -2.87 -6.19
N THR D 38 21.93 -2.23 -7.12
CA THR D 38 21.31 -1.73 -8.35
C THR D 38 21.11 -2.87 -9.32
N GLY D 39 19.91 -2.96 -9.88
CA GLY D 39 19.56 -4.02 -10.81
C GLY D 39 19.88 -3.65 -12.25
N ALA D 40 19.94 -4.67 -13.10
CA ALA D 40 20.26 -4.46 -14.51
C ALA D 40 19.11 -3.82 -15.31
N PHE D 41 17.90 -3.81 -14.76
CA PHE D 41 16.76 -3.20 -15.46
C PHE D 41 16.87 -1.68 -15.58
N ASN D 42 16.99 -1.21 -16.82
CA ASN D 42 16.95 0.22 -17.16
CA ASN D 42 16.94 0.22 -17.15
C ASN D 42 16.12 0.39 -18.43
N GLU D 43 15.07 1.21 -18.38
CA GLU D 43 14.18 1.40 -19.53
C GLU D 43 13.55 2.78 -19.51
N PRO D 44 13.34 3.39 -20.71
CA PRO D 44 12.57 4.63 -20.71
C PRO D 44 11.14 4.42 -20.24
N GLY D 45 10.59 5.42 -19.56
CA GLY D 45 9.22 5.35 -19.06
C GLY D 45 8.94 6.43 -18.05
N ASP D 46 7.72 6.98 -18.12
CA ASP D 46 7.20 7.91 -17.11
C ASP D 46 6.38 7.21 -16.05
N ASN D 47 5.95 5.98 -16.32
CA ASN D 47 5.19 5.19 -15.37
C ASN D 47 5.63 3.74 -15.42
N VAL D 48 5.61 3.08 -14.26
CA VAL D 48 5.98 1.68 -14.15
C VAL D 48 5.00 0.92 -13.23
N SER D 49 4.66 -0.31 -13.62
CA SER D 49 4.00 -1.26 -12.71
C SER D 49 4.69 -2.60 -12.84
N VAL D 50 4.43 -3.47 -11.87
CA VAL D 50 5.10 -4.76 -11.83
C VAL D 50 4.21 -5.81 -11.20
N THR D 51 4.36 -7.03 -11.67
CA THR D 51 3.82 -8.21 -11.00
C THR D 51 4.82 -9.35 -11.13
N SER D 52 4.80 -10.27 -10.18
CA SER D 52 5.67 -11.43 -10.23
C SER D 52 4.99 -12.65 -9.65
N TRP D 53 5.44 -13.82 -10.07
CA TRP D 53 4.93 -15.08 -9.54
C TRP D 53 6.01 -16.15 -9.54
N LEU D 54 5.84 -17.12 -8.65
CA LEU D 54 6.69 -18.30 -8.58
C LEU D 54 6.01 -19.49 -9.24
N VAL D 55 6.80 -20.26 -9.97
CA VAL D 55 6.43 -21.62 -10.39
C VAL D 55 7.56 -22.48 -9.82
N GLY D 56 7.26 -23.15 -8.71
CA GLY D 56 8.26 -23.90 -7.94
C GLY D 56 9.34 -22.98 -7.43
N SER D 57 10.55 -23.13 -7.97
CA SER D 57 11.70 -22.29 -7.63
C SER D 57 11.97 -21.19 -8.64
N ALA D 58 11.25 -21.18 -9.76
CA ALA D 58 11.49 -20.19 -10.81
C ALA D 58 10.68 -18.94 -10.54
N ILE D 59 11.36 -17.80 -10.41
CA ILE D 59 10.68 -16.50 -10.36
C ILE D 59 10.45 -15.99 -11.77
N HIS D 60 9.27 -15.39 -11.96
CA HIS D 60 8.92 -14.69 -13.18
C HIS D 60 8.48 -13.28 -12.81
N ILE D 61 9.01 -12.27 -13.50
CA ILE D 61 8.67 -10.86 -13.25
C ILE D 61 8.19 -10.24 -14.55
N ARG D 62 7.14 -9.43 -14.46
CA ARG D 62 6.67 -8.65 -15.60
C ARG D 62 6.62 -7.20 -15.18
N VAL D 63 7.40 -6.36 -15.86
CA VAL D 63 7.44 -4.94 -15.63
C VAL D 63 6.79 -4.25 -16.81
N TYR D 64 5.85 -3.34 -16.55
CA TYR D 64 5.14 -2.58 -17.59
C TYR D 64 5.59 -1.13 -17.54
N ALA D 65 6.35 -0.73 -18.56
CA ALA D 65 6.92 0.62 -18.66
C ALA D 65 6.14 1.39 -19.69
N SER D 66 5.62 2.56 -19.30
CA SER D 66 4.78 3.38 -20.16
C SER D 66 5.39 4.75 -20.46
N THR D 67 5.40 5.12 -21.75
CA THR D 67 5.78 6.46 -22.22
C THR D 67 4.70 6.88 -23.21
N GLY D 68 4.05 8.02 -22.95
CA GLY D 68 2.89 8.44 -23.71
C GLY D 68 1.80 7.38 -23.69
N THR D 69 1.32 7.00 -24.87
CA THR D 69 0.31 5.95 -25.00
C THR D 69 0.89 4.53 -25.13
N THR D 70 2.22 4.37 -25.10
CA THR D 70 2.84 3.07 -25.34
C THR D 70 3.31 2.40 -24.06
N THR D 71 2.79 1.21 -23.78
CA THR D 71 3.24 0.40 -22.66
C THR D 71 4.03 -0.78 -23.20
N THR D 72 5.26 -0.92 -22.73
CA THR D 72 6.13 -2.03 -23.11
C THR D 72 6.34 -2.96 -21.91
N GLU D 73 6.13 -4.25 -22.15
CA GLU D 73 6.31 -5.29 -21.14
C GLU D 73 7.72 -5.84 -21.21
N TRP D 74 8.34 -6.01 -20.04
CA TRP D 74 9.63 -6.66 -19.92
C TRP D 74 9.50 -7.86 -19.02
N CYS D 75 10.12 -8.97 -19.44
CA CYS D 75 9.94 -10.28 -18.83
C CYS D 75 11.24 -10.83 -18.27
N TRP D 76 11.26 -11.14 -16.98
CA TRP D 76 12.35 -11.91 -16.38
C TRP D 76 11.81 -13.31 -16.10
N ASP D 77 12.46 -14.34 -16.64
CA ASP D 77 11.98 -15.73 -16.50
C ASP D 77 13.08 -16.72 -16.06
N GLY D 78 13.99 -16.23 -15.20
CA GLY D 78 15.03 -17.06 -14.61
C GLY D 78 16.42 -16.82 -15.19
N ASN D 79 16.50 -16.37 -16.45
CA ASN D 79 17.80 -16.18 -17.10
C ASN D 79 17.80 -14.99 -18.07
N GLY D 80 17.45 -13.83 -17.53
CA GLY D 80 17.57 -12.57 -18.27
C GLY D 80 16.24 -11.92 -18.58
N TRP D 81 16.29 -10.63 -18.93
CA TRP D 81 15.10 -9.89 -19.37
C TRP D 81 14.90 -10.02 -20.87
N THR D 82 13.65 -10.17 -21.29
CA THR D 82 13.26 -10.11 -22.70
C THR D 82 12.01 -9.23 -22.86
N GLY D 84 8.42 -8.42 -23.83
CA GLY D 84 7.24 -9.28 -23.83
C GLY D 84 6.28 -8.97 -24.96
N ALA D 85 5.27 -9.83 -25.10
CA ALA D 85 4.30 -9.74 -26.18
C ALA D 85 3.15 -8.76 -25.92
N TYR D 86 3.08 -8.20 -24.69
CA TYR D 86 2.02 -7.27 -24.36
C TYR D 86 1.83 -6.20 -25.42
N THR D 87 0.58 -6.01 -25.81
CA THR D 87 0.17 -4.85 -26.59
C THR D 87 -1.11 -4.27 -25.99
N ALA D 88 -1.34 -2.99 -26.25
CA ALA D 88 -2.59 -2.31 -25.92
C ALA D 88 -2.86 -1.18 -26.91
N THR D 89 -4.13 -0.83 -27.07
CA THR D 89 -4.56 0.30 -27.91
C THR D 89 -4.96 1.46 -27.00
N ASN D 90 -3.98 2.31 -26.67
CA ASN D 90 -4.19 3.49 -25.83
C ASN D 90 -4.22 4.75 -26.69
#